data_6N3Z
#
_entry.id   6N3Z
#
_cell.length_a   50.527
_cell.length_b   77.635
_cell.length_c   86.827
_cell.angle_alpha   90.000
_cell.angle_beta   90.000
_cell.angle_gamma   90.000
#
_symmetry.space_group_name_H-M   'P 2 21 21'
#
loop_
_entity.id
_entity.type
_entity.pdbx_description
1 polymer 'Epoxide hydrolase TrEH'
2 non-polymer N-methyl-4-{[trans-4-({[4-(trifluoromethoxy)phenyl]carbamoyl}amino)cyclohexyl]oxy}benzamide
3 water water
#
_entity_poly.entity_id   1
_entity_poly.type   'polypeptide(L)'
_entity_poly.pdbx_seq_one_letter_code
;MDTSKLKPNDPRVKYETKQIRGKTYSYILGEPAGPKLETVVLVHGWPDMAFGWRHQIPYLMSLGFQVVAPNMLGYAGTDA
PRDLSQFTLKSVSADIAELARSFVGQDGQIVLGGHDWGGAVVWRTAYYHPELVKAVFSVCTPLHPLSAEYKPLEDIVAAG
HMLNFKYQLQLKGPDVEARIQGKDMLRRFFRAMFGGRGPNGEAGFSTSDGVHFDVLDKIGAPPLLDEQELEYYVEQYALQ
EAPELRGPLNWYRTRELNAKDEMDRAKNGPPLRFEMPALFVAASKDNALPPAMSKGMDAFYKDLTRAEVDATHWALTQAG
DEVNRVIGEWLNKALG
;
_entity_poly.pdbx_strand_id   A
#
# COMPACT_ATOMS: atom_id res chain seq x y z
N MET A 1 -16.38 -22.08 0.09
CA MET A 1 -15.48 -21.76 1.20
C MET A 1 -15.98 -20.55 1.99
N ASP A 2 -15.26 -20.24 3.07
CA ASP A 2 -15.60 -19.13 3.94
C ASP A 2 -14.97 -17.85 3.40
N THR A 3 -15.81 -16.89 3.00
CA THR A 3 -15.34 -15.66 2.39
C THR A 3 -15.24 -14.49 3.38
N SER A 4 -15.56 -14.72 4.65
CA SER A 4 -15.42 -13.66 5.64
C SER A 4 -13.96 -13.22 5.74
N LYS A 5 -13.76 -11.99 6.20
CA LYS A 5 -12.42 -11.42 6.23
C LYS A 5 -11.47 -12.28 7.06
N LEU A 6 -10.19 -12.22 6.71
CA LEU A 6 -9.18 -12.95 7.47
C LEU A 6 -9.17 -12.49 8.91
N LYS A 7 -9.02 -13.44 9.81
CA LYS A 7 -8.75 -13.15 11.20
C LYS A 7 -7.24 -13.23 11.44
N PRO A 8 -6.75 -12.64 12.53
CA PRO A 8 -5.32 -12.77 12.85
C PRO A 8 -4.88 -14.23 12.88
N ASN A 9 -3.86 -14.55 12.10
CA ASN A 9 -3.37 -15.92 11.93
C ASN A 9 -4.48 -16.85 11.45
N ASP A 10 -5.22 -16.40 10.44
CA ASP A 10 -6.28 -17.20 9.86
C ASP A 10 -5.71 -18.47 9.24
N PRO A 11 -6.28 -19.65 9.52
CA PRO A 11 -5.75 -20.88 8.93
C PRO A 11 -6.13 -21.10 7.47
N ARG A 12 -6.99 -20.25 6.90
CA ARG A 12 -7.35 -20.37 5.50
C ARG A 12 -6.20 -20.01 4.56
N VAL A 13 -5.15 -19.36 5.07
CA VAL A 13 -4.02 -18.93 4.26
C VAL A 13 -2.74 -19.48 4.87
N LYS A 14 -1.65 -19.33 4.13
CA LYS A 14 -0.34 -19.76 4.59
C LYS A 14 0.57 -18.54 4.73
N TYR A 15 1.53 -18.65 5.65
CA TYR A 15 2.44 -17.56 5.98
C TYR A 15 3.87 -18.06 5.71
N GLU A 16 4.49 -17.51 4.67
CA GLU A 16 5.78 -17.99 4.19
C GLU A 16 6.72 -16.81 3.94
N THR A 17 7.99 -17.16 3.73
CA THR A 17 9.02 -16.20 3.33
C THR A 17 9.78 -16.74 2.14
N LYS A 18 10.34 -15.83 1.35
CA LYS A 18 11.25 -16.17 0.27
C LYS A 18 12.34 -15.11 0.20
N GLN A 19 13.52 -15.53 -0.26
CA GLN A 19 14.57 -14.56 -0.56
C GLN A 19 14.24 -13.86 -1.86
N ILE A 20 14.12 -12.54 -1.82
CA ILE A 20 13.74 -11.74 -2.97
C ILE A 20 14.74 -10.60 -3.10
N ARG A 21 15.59 -10.66 -4.13
CA ARG A 21 16.54 -9.60 -4.45
C ARG A 21 17.40 -9.22 -3.24
N GLY A 22 17.81 -10.22 -2.47
CA GLY A 22 18.68 -10.01 -1.33
C GLY A 22 17.98 -9.83 0.01
N LYS A 23 16.65 -9.80 0.03
CA LYS A 23 15.91 -9.57 1.25
C LYS A 23 14.98 -10.75 1.55
N THR A 24 14.70 -10.96 2.82
CA THR A 24 13.64 -11.87 3.23
C THR A 24 12.30 -11.17 3.05
N TYR A 25 11.41 -11.77 2.27
CA TYR A 25 10.08 -11.21 2.01
C TYR A 25 9.04 -12.15 2.61
N SER A 26 8.39 -11.71 3.67
CA SER A 26 7.25 -12.44 4.20
C SER A 26 5.99 -12.08 3.43
N TYR A 27 5.07 -13.04 3.33
CA TYR A 27 3.86 -12.80 2.56
C TYR A 27 2.76 -13.73 3.04
N ILE A 28 1.53 -13.35 2.72
CA ILE A 28 0.36 -14.22 2.88
C ILE A 28 0.11 -14.90 1.55
N LEU A 29 -0.14 -16.20 1.60
CA LEU A 29 -0.43 -16.98 0.39
C LEU A 29 -1.78 -17.67 0.56
N GLY A 30 -2.73 -17.32 -0.30
CA GLY A 30 -4.04 -17.92 -0.31
C GLY A 30 -4.24 -18.73 -1.59
N GLU A 31 -4.62 -19.99 -1.43
CA GLU A 31 -4.78 -20.81 -2.62
C GLU A 31 -6.21 -20.72 -3.15
N PRO A 32 -6.39 -20.83 -4.46
CA PRO A 32 -7.71 -20.61 -5.06
C PRO A 32 -8.68 -21.74 -4.77
N ALA A 33 -9.96 -21.40 -4.83
CA ALA A 33 -11.03 -22.39 -4.84
C ALA A 33 -11.25 -22.84 -6.28
N GLY A 34 -10.86 -24.07 -6.59
CA GLY A 34 -10.93 -24.57 -7.94
C GLY A 34 -9.64 -24.35 -8.70
N PRO A 35 -9.63 -24.66 -9.99
CA PRO A 35 -8.42 -24.43 -10.79
C PRO A 35 -8.09 -22.95 -10.87
N LYS A 36 -6.80 -22.65 -10.79
CA LYS A 36 -6.35 -21.27 -10.71
C LYS A 36 -6.71 -20.49 -11.97
N LEU A 37 -7.45 -19.40 -11.79
CA LEU A 37 -7.68 -18.47 -12.89
C LEU A 37 -6.42 -17.64 -13.13
N GLU A 38 -6.04 -16.82 -12.15
CA GLU A 38 -4.82 -16.03 -12.21
C GLU A 38 -4.19 -15.99 -10.82
N THR A 39 -2.94 -15.54 -10.77
CA THR A 39 -2.26 -15.23 -9.52
C THR A 39 -2.34 -13.73 -9.30
N VAL A 40 -2.86 -13.32 -8.15
CA VAL A 40 -3.07 -11.92 -7.80
C VAL A 40 -2.07 -11.54 -6.72
N VAL A 41 -1.31 -10.49 -6.97
CA VAL A 41 -0.35 -9.95 -6.01
C VAL A 41 -0.91 -8.64 -5.48
N LEU A 42 -1.05 -8.54 -4.15
CA LEU A 42 -1.61 -7.38 -3.50
C LEU A 42 -0.52 -6.67 -2.71
N VAL A 43 -0.44 -5.35 -2.85
CA VAL A 43 0.61 -4.54 -2.26
C VAL A 43 -0.02 -3.50 -1.35
N HIS A 44 0.27 -3.59 -0.06
CA HIS A 44 -0.28 -2.67 0.93
C HIS A 44 0.54 -1.38 0.98
N GLY A 45 0.15 -0.47 1.86
CA GLY A 45 0.79 0.82 2.02
C GLY A 45 1.13 1.11 3.47
N TRP A 46 1.18 2.40 3.78
CA TRP A 46 1.58 2.87 5.11
C TRP A 46 0.38 3.42 5.88
N PRO A 47 0.29 3.14 7.19
CA PRO A 47 1.12 2.19 7.91
C PRO A 47 0.37 0.87 8.08
N ASP A 48 0.33 0.09 7.00
CA ASP A 48 -0.46 -1.12 6.93
C ASP A 48 0.47 -2.33 6.85
N MET A 49 -0.08 -3.46 6.43
CA MET A 49 0.69 -4.68 6.19
C MET A 49 -0.18 -5.60 5.33
N ALA A 50 0.35 -6.79 5.05
CA ALA A 50 -0.38 -7.75 4.22
C ALA A 50 -1.76 -8.03 4.79
N PHE A 51 -1.88 -8.06 6.12
CA PHE A 51 -3.16 -8.28 6.78
C PHE A 51 -4.18 -7.20 6.43
N GLY A 52 -3.74 -6.06 5.89
CA GLY A 52 -4.65 -5.02 5.47
C GLY A 52 -5.56 -5.41 4.33
N TRP A 53 -5.21 -6.45 3.58
CA TRP A 53 -6.07 -7.00 2.53
C TRP A 53 -6.98 -8.11 3.05
N ARG A 54 -7.26 -8.14 4.35
CA ARG A 54 -7.99 -9.25 4.95
C ARG A 54 -9.39 -9.41 4.37
N HIS A 55 -9.97 -8.35 3.82
CA HIS A 55 -11.28 -8.48 3.17
C HIS A 55 -11.14 -9.02 1.75
N GLN A 56 -10.05 -8.71 1.06
CA GLN A 56 -9.89 -9.08 -0.34
C GLN A 56 -9.31 -10.48 -0.54
N ILE A 57 -8.46 -10.93 0.36
CA ILE A 57 -7.74 -12.20 0.18
C ILE A 57 -8.72 -13.38 0.13
N PRO A 58 -9.57 -13.61 1.15
CA PRO A 58 -10.49 -14.75 1.04
C PRO A 58 -11.53 -14.58 -0.05
N TYR A 59 -11.89 -13.34 -0.39
CA TYR A 59 -12.81 -13.11 -1.49
C TYR A 59 -12.18 -13.48 -2.82
N LEU A 60 -10.99 -12.96 -3.10
CA LEU A 60 -10.31 -13.28 -4.35
C LEU A 60 -9.99 -14.78 -4.45
N MET A 61 -9.72 -15.42 -3.31
CA MET A 61 -9.53 -16.87 -3.30
C MET A 61 -10.82 -17.58 -3.73
N SER A 62 -11.95 -17.15 -3.19
CA SER A 62 -13.23 -17.78 -3.53
C SER A 62 -13.60 -17.58 -4.98
N LEU A 63 -13.01 -16.60 -5.66
CA LEU A 63 -13.24 -16.37 -7.07
C LEU A 63 -12.35 -17.22 -7.96
N GLY A 64 -11.45 -18.00 -7.39
CA GLY A 64 -10.55 -18.83 -8.16
C GLY A 64 -9.16 -18.27 -8.37
N PHE A 65 -8.74 -17.29 -7.57
CA PHE A 65 -7.44 -16.66 -7.71
C PHE A 65 -6.49 -17.17 -6.63
N GLN A 66 -5.25 -17.43 -7.03
CA GLN A 66 -4.15 -17.51 -6.08
C GLN A 66 -3.76 -16.10 -5.68
N VAL A 67 -3.53 -15.89 -4.39
CA VAL A 67 -3.32 -14.55 -3.86
C VAL A 67 -2.00 -14.53 -3.09
N VAL A 68 -1.11 -13.63 -3.48
CA VAL A 68 0.16 -13.40 -2.80
C VAL A 68 0.15 -11.97 -2.31
N ALA A 69 0.10 -11.79 -0.99
CA ALA A 69 0.09 -10.47 -0.36
C ALA A 69 1.32 -10.33 0.51
N PRO A 70 2.40 -9.72 0.00
CA PRO A 70 3.61 -9.58 0.80
C PRO A 70 3.51 -8.48 1.83
N ASN A 71 4.18 -8.71 2.96
CA ASN A 71 4.60 -7.60 3.80
C ASN A 71 5.72 -6.88 3.07
N MET A 72 5.49 -5.62 2.71
CA MET A 72 6.44 -4.93 1.86
C MET A 72 7.71 -4.61 2.64
N LEU A 73 8.67 -4.00 1.94
CA LEU A 73 9.97 -3.73 2.51
C LEU A 73 9.83 -2.81 3.72
N GLY A 74 10.30 -3.29 4.87
CA GLY A 74 10.26 -2.54 6.11
C GLY A 74 9.14 -2.91 7.06
N TYR A 75 8.20 -3.75 6.63
CA TYR A 75 7.02 -4.06 7.40
C TYR A 75 7.06 -5.49 7.93
N ALA A 76 6.71 -5.64 9.20
CA ALA A 76 6.49 -6.95 9.84
C ALA A 76 7.66 -7.89 9.65
N GLY A 77 7.39 -9.07 9.08
CA GLY A 77 8.40 -10.09 8.89
C GLY A 77 9.31 -9.89 7.70
N THR A 78 9.15 -8.81 6.96
CA THR A 78 10.01 -8.52 5.82
C THR A 78 11.18 -7.64 6.24
N ASP A 79 12.34 -7.87 5.63
CA ASP A 79 13.54 -7.12 5.99
C ASP A 79 13.34 -5.62 5.79
N ALA A 80 14.08 -4.83 6.57
CA ALA A 80 14.11 -3.38 6.46
C ALA A 80 15.56 -2.97 6.29
N PRO A 81 16.05 -2.92 5.05
CA PRO A 81 17.46 -2.57 4.82
C PRO A 81 17.79 -1.18 5.31
N ARG A 82 19.06 -1.00 5.70
CA ARG A 82 19.54 0.33 6.07
C ARG A 82 19.56 1.26 4.87
N ASP A 83 19.92 0.74 3.71
CA ASP A 83 20.07 1.55 2.51
C ASP A 83 18.71 2.03 2.00
N LEU A 84 18.61 3.34 1.75
CA LEU A 84 17.37 3.93 1.28
C LEU A 84 17.06 3.61 -0.19
N SER A 85 18.06 3.34 -1.02
CA SER A 85 17.81 3.02 -2.42
C SER A 85 17.05 1.71 -2.60
N GLN A 86 17.03 0.86 -1.56
CA GLN A 86 16.18 -0.33 -1.60
C GLN A 86 14.70 0.02 -1.54
N PHE A 87 14.36 1.23 -1.09
CA PHE A 87 12.98 1.63 -0.86
C PHE A 87 12.40 2.47 -1.99
N THR A 88 13.14 2.63 -3.09
CA THR A 88 12.58 3.35 -4.22
C THR A 88 11.46 2.52 -4.86
N LEU A 89 10.59 3.22 -5.60
CA LEU A 89 9.53 2.53 -6.32
C LEU A 89 10.08 1.57 -7.37
N LYS A 90 11.20 1.93 -8.00
CA LYS A 90 11.80 1.06 -9.00
C LYS A 90 12.31 -0.24 -8.36
N SER A 91 13.10 -0.13 -7.30
CA SER A 91 13.64 -1.32 -6.63
C SER A 91 12.52 -2.18 -6.07
N VAL A 92 11.53 -1.55 -5.42
CA VAL A 92 10.41 -2.31 -4.87
C VAL A 92 9.59 -2.95 -5.99
N SER A 93 9.45 -2.25 -7.12
CA SER A 93 8.79 -2.86 -8.28
C SER A 93 9.55 -4.09 -8.75
N ALA A 94 10.89 -4.02 -8.74
CA ALA A 94 11.68 -5.20 -9.08
C ALA A 94 11.51 -6.31 -8.06
N ASP A 95 11.34 -5.96 -6.78
CA ASP A 95 11.04 -6.97 -5.77
C ASP A 95 9.73 -7.67 -6.06
N ILE A 96 8.68 -6.90 -6.32
CA ILE A 96 7.38 -7.48 -6.65
C ILE A 96 7.48 -8.33 -7.91
N ALA A 97 8.26 -7.87 -8.89
CA ALA A 97 8.39 -8.60 -10.15
C ALA A 97 9.04 -9.96 -9.92
N GLU A 98 10.10 -10.01 -9.12
CA GLU A 98 10.78 -11.28 -8.87
C GLU A 98 9.93 -12.18 -7.99
N LEU A 99 9.22 -11.61 -7.02
CA LEU A 99 8.34 -12.41 -6.16
C LEU A 99 7.18 -12.98 -6.97
N ALA A 100 6.56 -12.16 -7.81
CA ALA A 100 5.46 -12.64 -8.64
C ALA A 100 5.91 -13.76 -9.56
N ARG A 101 7.08 -13.60 -10.17
CA ARG A 101 7.60 -14.62 -11.07
C ARG A 101 8.10 -15.85 -10.33
N SER A 102 8.36 -15.75 -9.02
CA SER A 102 8.66 -16.93 -8.23
C SER A 102 7.47 -17.87 -8.11
N PHE A 103 6.27 -17.42 -8.48
CA PHE A 103 5.07 -18.24 -8.47
C PHE A 103 4.60 -18.60 -9.87
N VAL A 104 4.53 -17.64 -10.79
CA VAL A 104 4.01 -17.88 -12.13
C VAL A 104 5.10 -18.20 -13.15
N GLY A 105 6.35 -18.31 -12.71
CA GLY A 105 7.45 -18.48 -13.63
C GLY A 105 7.82 -17.19 -14.33
N GLN A 106 9.03 -17.19 -14.91
CA GLN A 106 9.53 -15.98 -15.57
C GLN A 106 8.68 -15.61 -16.77
N ASP A 107 8.04 -16.58 -17.41
CA ASP A 107 7.18 -16.33 -18.56
C ASP A 107 5.75 -16.01 -18.16
N GLY A 108 5.42 -16.07 -16.88
CA GLY A 108 4.04 -15.91 -16.45
C GLY A 108 3.62 -14.46 -16.30
N GLN A 109 2.32 -14.28 -16.07
CA GLN A 109 1.73 -12.98 -15.82
C GLN A 109 0.89 -13.05 -14.56
N ILE A 110 0.60 -11.87 -14.00
CA ILE A 110 -0.14 -11.76 -12.75
C ILE A 110 -1.17 -10.64 -12.86
N VAL A 111 -2.13 -10.66 -11.95
CA VAL A 111 -2.96 -9.51 -11.63
C VAL A 111 -2.32 -8.81 -10.45
N LEU A 112 -2.25 -7.48 -10.51
CA LEU A 112 -1.49 -6.69 -9.56
C LEU A 112 -2.40 -5.66 -8.89
N GLY A 113 -2.51 -5.75 -7.58
CA GLY A 113 -3.34 -4.82 -6.81
C GLY A 113 -2.52 -4.07 -5.80
N GLY A 114 -2.82 -2.79 -5.65
CA GLY A 114 -2.08 -1.94 -4.73
C GLY A 114 -3.00 -0.97 -4.01
N HIS A 115 -2.55 -0.53 -2.83
CA HIS A 115 -3.27 0.44 -2.04
C HIS A 115 -2.27 1.36 -1.34
N ASP A 116 -2.59 2.66 -1.32
CA ASP A 116 -1.77 3.69 -0.70
C ASP A 116 -0.40 3.67 -1.37
N TRP A 117 0.70 3.50 -0.63
CA TRP A 117 2.00 3.38 -1.27
C TRP A 117 2.06 2.17 -2.19
N GLY A 118 1.30 1.12 -1.88
CA GLY A 118 1.26 -0.03 -2.76
C GLY A 118 0.64 0.29 -4.11
N GLY A 119 -0.36 1.16 -4.12
CA GLY A 119 -0.94 1.58 -5.38
C GLY A 119 0.05 2.30 -6.27
N ALA A 120 0.90 3.16 -5.67
CA ALA A 120 1.97 3.78 -6.44
C ALA A 120 2.97 2.73 -6.92
N VAL A 121 3.18 1.68 -6.12
CA VAL A 121 4.11 0.62 -6.50
C VAL A 121 3.60 -0.12 -7.73
N VAL A 122 2.30 -0.44 -7.75
CA VAL A 122 1.78 -1.29 -8.82
C VAL A 122 1.68 -0.53 -10.13
N TRP A 123 1.42 0.77 -10.09
CA TRP A 123 1.51 1.57 -11.31
C TRP A 123 2.92 1.58 -11.86
N ARG A 124 3.91 1.82 -10.98
CA ARG A 124 5.31 1.79 -11.41
C ARG A 124 5.71 0.38 -11.85
N THR A 125 5.23 -0.65 -11.14
CA THR A 125 5.54 -2.02 -11.53
C THR A 125 4.97 -2.34 -12.89
N ALA A 126 3.74 -1.89 -13.16
CA ALA A 126 3.17 -2.06 -14.49
C ALA A 126 3.94 -1.27 -15.53
N TYR A 127 4.57 -0.16 -15.14
CA TYR A 127 5.36 0.64 -16.07
C TYR A 127 6.70 -0.03 -16.34
N TYR A 128 7.38 -0.50 -15.29
CA TYR A 128 8.70 -1.08 -15.47
C TYR A 128 8.66 -2.51 -16.01
N HIS A 129 7.61 -3.26 -15.68
CA HIS A 129 7.49 -4.67 -16.08
C HIS A 129 6.13 -4.92 -16.73
N PRO A 130 5.91 -4.37 -17.94
CA PRO A 130 4.66 -4.67 -18.64
C PRO A 130 4.56 -6.11 -19.11
N GLU A 131 5.69 -6.81 -19.28
CA GLU A 131 5.65 -8.23 -19.65
C GLU A 131 4.95 -9.06 -18.59
N LEU A 132 4.94 -8.59 -17.34
CA LEU A 132 4.43 -9.37 -16.21
C LEU A 132 3.00 -9.03 -15.82
N VAL A 133 2.57 -7.78 -15.98
CA VAL A 133 1.33 -7.30 -15.39
C VAL A 133 0.21 -7.47 -16.42
N LYS A 134 -0.61 -8.51 -16.24
CA LYS A 134 -1.73 -8.74 -17.15
C LYS A 134 -2.87 -7.77 -16.88
N ALA A 135 -3.05 -7.37 -15.61
CA ALA A 135 -4.06 -6.40 -15.22
C ALA A 135 -3.63 -5.82 -13.87
N VAL A 136 -3.96 -4.55 -13.66
CA VAL A 136 -3.50 -3.83 -12.49
C VAL A 136 -4.61 -2.92 -11.98
N PHE A 137 -4.84 -2.93 -10.67
CA PHE A 137 -5.77 -2.02 -10.04
C PHE A 137 -5.11 -1.37 -8.82
N SER A 138 -5.62 -0.18 -8.46
CA SER A 138 -5.11 0.57 -7.33
C SER A 138 -6.27 1.24 -6.60
N VAL A 139 -6.27 1.14 -5.28
CA VAL A 139 -7.28 1.76 -4.44
C VAL A 139 -6.66 3.03 -3.84
N CYS A 140 -7.43 4.13 -3.89
CA CYS A 140 -7.05 5.44 -3.35
C CYS A 140 -5.98 6.12 -4.19
N THR A 141 -4.89 5.41 -4.48
CA THR A 141 -3.72 6.03 -5.09
C THR A 141 -3.86 6.21 -6.59
N PRO A 142 -3.92 7.44 -7.08
CA PRO A 142 -3.93 7.67 -8.53
C PRO A 142 -2.52 7.57 -9.10
N LEU A 143 -2.45 7.64 -10.43
CA LEU A 143 -1.16 7.68 -11.10
C LEU A 143 -0.52 9.04 -10.91
N HIS A 144 0.79 9.04 -10.67
CA HIS A 144 1.48 10.32 -10.68
C HIS A 144 2.59 10.32 -11.73
N PRO A 145 2.84 11.43 -12.41
CA PRO A 145 3.71 11.40 -13.59
C PRO A 145 5.15 11.09 -13.21
N LEU A 146 5.90 10.71 -14.22
CA LEU A 146 7.34 10.56 -14.06
C LEU A 146 7.96 11.89 -13.66
N SER A 147 8.70 11.88 -12.55
CA SER A 147 9.31 13.10 -12.04
C SER A 147 10.23 13.71 -13.07
N ALA A 148 9.89 14.92 -13.53
CA ALA A 148 10.75 15.67 -14.43
C ALA A 148 11.70 16.59 -13.71
N GLU A 149 11.53 16.76 -12.40
CA GLU A 149 12.26 17.76 -11.63
C GLU A 149 12.16 17.38 -10.16
N TYR A 150 13.23 17.66 -9.42
CA TYR A 150 13.27 17.42 -7.98
C TYR A 150 13.26 18.74 -7.23
N LYS A 151 12.31 18.89 -6.32
CA LYS A 151 12.27 20.01 -5.40
C LYS A 151 12.00 19.50 -4.00
N PRO A 152 12.71 20.00 -2.98
CA PRO A 152 12.48 19.54 -1.62
C PRO A 152 11.05 19.81 -1.18
N LEU A 153 10.46 18.83 -0.50
CA LEU A 153 9.06 18.95 -0.07
C LEU A 153 8.87 20.14 0.85
N GLU A 154 9.89 20.49 1.65
CA GLU A 154 9.81 21.68 2.48
C GLU A 154 9.50 22.91 1.65
N ASP A 155 10.24 23.10 0.54
CA ASP A 155 10.02 24.26 -0.32
C ASP A 155 8.67 24.19 -1.03
N ILE A 156 8.19 22.97 -1.33
CA ILE A 156 6.91 22.83 -2.01
C ILE A 156 5.77 23.29 -1.11
N VAL A 157 5.77 22.83 0.15
CA VAL A 157 4.70 23.22 1.07
C VAL A 157 4.94 24.64 1.58
N ALA A 158 6.20 25.11 1.58
CA ALA A 158 6.47 26.49 1.95
C ALA A 158 5.87 27.46 0.95
N ALA A 159 5.70 27.04 -0.30
CA ALA A 159 5.04 27.84 -1.32
C ALA A 159 3.53 27.62 -1.35
N GLY A 160 2.99 26.87 -0.40
CA GLY A 160 1.57 26.62 -0.33
C GLY A 160 1.06 25.50 -1.19
N HIS A 161 1.94 24.67 -1.73
CA HIS A 161 1.57 23.60 -2.65
C HIS A 161 1.68 22.24 -1.98
N MET A 162 0.87 21.29 -2.47
CA MET A 162 0.86 19.92 -1.96
C MET A 162 0.66 19.90 -0.45
N LEU A 163 -0.22 20.77 0.03
CA LEU A 163 -0.43 20.90 1.47
C LEU A 163 -1.01 19.63 2.08
N ASN A 164 -1.70 18.80 1.29
CA ASN A 164 -2.18 17.53 1.80
C ASN A 164 -1.07 16.53 2.06
N PHE A 165 0.17 16.82 1.65
CA PHE A 165 1.30 15.95 1.85
C PHE A 165 2.26 16.45 2.92
N LYS A 166 1.92 17.53 3.62
CA LYS A 166 2.85 18.13 4.57
C LYS A 166 3.14 17.22 5.76
N TYR A 167 2.26 16.25 6.04
CA TYR A 167 2.54 15.28 7.10
C TYR A 167 3.82 14.50 6.82
N GLN A 168 4.22 14.38 5.55
CA GLN A 168 5.39 13.58 5.22
C GLN A 168 6.67 14.18 5.78
N LEU A 169 6.69 15.50 5.99
CA LEU A 169 7.88 16.13 6.56
C LEU A 169 8.17 15.58 7.95
N GLN A 170 7.14 15.46 8.78
CA GLN A 170 7.33 14.86 10.10
C GLN A 170 7.67 13.38 9.98
N LEU A 171 6.99 12.65 9.09
CA LEU A 171 7.21 11.22 8.97
C LEU A 171 8.65 10.90 8.56
N LYS A 172 9.19 11.65 7.61
CA LYS A 172 10.55 11.40 7.15
C LYS A 172 11.60 11.90 8.14
N GLY A 173 11.22 12.78 9.06
CA GLY A 173 12.13 13.28 10.06
C GLY A 173 12.38 12.27 11.16
N PRO A 174 12.93 12.73 12.29
CA PRO A 174 13.24 11.81 13.39
C PRO A 174 12.15 11.65 14.43
N ASP A 175 11.09 12.45 14.38
CA ASP A 175 10.16 12.52 15.51
C ASP A 175 9.35 11.24 15.65
N VAL A 176 8.70 10.80 14.57
CA VAL A 176 7.85 9.61 14.66
C VAL A 176 8.69 8.37 14.93
N GLU A 177 9.85 8.26 14.26
CA GLU A 177 10.69 7.08 14.44
C GLU A 177 11.21 6.98 15.87
N ALA A 178 11.54 8.11 16.49
CA ALA A 178 12.12 8.09 17.83
C ALA A 178 11.07 7.81 18.90
N ARG A 179 9.87 8.37 18.74
CA ARG A 179 8.88 8.34 19.83
C ARG A 179 7.97 7.13 19.77
N ILE A 180 7.67 6.61 18.59
CA ILE A 180 6.81 5.43 18.49
C ILE A 180 7.66 4.17 18.48
N GLN A 181 8.13 3.75 19.66
CA GLN A 181 8.91 2.54 19.84
C GLN A 181 8.30 1.69 20.94
N GLY A 182 8.35 0.38 20.79
CA GLY A 182 7.73 -0.52 21.74
C GLY A 182 6.25 -0.68 21.47
N LYS A 183 5.69 -1.76 22.03
CA LYS A 183 4.30 -2.11 21.76
C LYS A 183 3.32 -1.10 22.35
N ASP A 184 3.67 -0.49 23.48
CA ASP A 184 2.76 0.45 24.12
C ASP A 184 2.51 1.67 23.24
N MET A 185 3.58 2.20 22.64
CA MET A 185 3.41 3.34 21.73
C MET A 185 2.82 2.91 20.40
N LEU A 186 3.14 1.69 19.94
CA LEU A 186 2.57 1.20 18.69
C LEU A 186 1.06 1.05 18.81
N ARG A 187 0.58 0.56 19.95
CA ARG A 187 -0.86 0.40 20.15
C ARG A 187 -1.58 1.74 20.08
N ARG A 188 -1.02 2.76 20.73
CA ARG A 188 -1.61 4.10 20.65
C ARG A 188 -1.48 4.65 19.24
N PHE A 189 -0.34 4.40 18.59
CA PHE A 189 -0.13 4.89 17.22
C PHE A 189 -1.17 4.32 16.26
N PHE A 190 -1.46 3.02 16.37
CA PHE A 190 -2.44 2.42 15.48
C PHE A 190 -3.87 2.84 15.83
N ARG A 191 -4.15 3.08 17.11
CA ARG A 191 -5.45 3.66 17.46
C ARG A 191 -5.62 5.03 16.82
N ALA A 192 -4.54 5.80 16.71
CA ALA A 192 -4.62 7.10 16.07
C ALA A 192 -4.82 6.97 14.56
N MET A 193 -4.03 6.10 13.92
CA MET A 193 -4.05 6.00 12.47
C MET A 193 -5.37 5.44 11.93
N PHE A 194 -6.11 4.69 12.74
CA PHE A 194 -7.34 4.07 12.29
C PHE A 194 -8.59 4.68 12.93
N GLY A 195 -8.55 5.98 13.21
CA GLY A 195 -9.75 6.73 13.53
C GLY A 195 -10.00 7.02 14.99
N GLY A 196 -9.14 6.57 15.89
CA GLY A 196 -9.38 6.82 17.31
C GLY A 196 -9.40 8.29 17.64
N ARG A 197 -10.17 8.64 18.66
CA ARG A 197 -10.39 10.02 19.07
C ARG A 197 -10.16 10.19 20.56
N GLY A 198 -9.84 11.41 20.95
CA GLY A 198 -9.63 11.75 22.34
C GLY A 198 -10.89 12.25 23.02
N PRO A 199 -10.84 12.41 24.34
CA PRO A 199 -12.02 12.86 25.10
C PRO A 199 -12.71 14.08 24.53
N ASN A 200 -11.99 14.96 23.85
CA ASN A 200 -12.58 16.14 23.21
C ASN A 200 -12.42 16.07 21.70
N GLY A 201 -12.48 14.86 21.13
CA GLY A 201 -12.40 14.71 19.69
C GLY A 201 -11.05 14.99 19.09
N GLU A 202 -9.99 14.92 19.88
CA GLU A 202 -8.64 15.14 19.35
C GLU A 202 -8.27 13.99 18.43
N ALA A 203 -7.81 14.33 17.23
CA ALA A 203 -7.33 13.34 16.27
C ALA A 203 -5.86 13.05 16.54
N GLY A 204 -5.50 11.77 16.48
CA GLY A 204 -4.12 11.37 16.67
C GLY A 204 -3.24 11.56 15.45
N PHE A 205 -3.83 11.89 14.31
CA PHE A 205 -3.07 12.13 13.09
C PHE A 205 -3.81 13.14 12.24
N SER A 206 -3.04 13.94 11.50
CA SER A 206 -3.59 14.89 10.54
C SER A 206 -2.66 14.95 9.34
N THR A 207 -3.24 15.23 8.17
CA THR A 207 -2.44 15.33 6.95
C THR A 207 -1.55 16.57 6.93
N SER A 208 -1.73 17.49 7.88
CA SER A 208 -0.92 18.71 7.96
C SER A 208 0.28 18.55 8.90
N ASP A 209 0.08 18.00 10.09
CA ASP A 209 1.14 17.90 11.10
C ASP A 209 1.60 16.47 11.37
N GLY A 210 0.90 15.46 10.84
CA GLY A 210 1.28 14.08 11.07
C GLY A 210 0.77 13.54 12.38
N VAL A 211 1.59 12.76 13.07
CA VAL A 211 1.20 12.17 14.34
C VAL A 211 1.18 13.26 15.41
N HIS A 212 0.08 13.32 16.17
CA HIS A 212 -0.06 14.25 17.28
C HIS A 212 0.31 13.48 18.55
N PHE A 213 1.61 13.52 18.89
CA PHE A 213 2.10 12.78 20.05
C PHE A 213 1.41 13.23 21.34
N ASP A 214 1.13 14.54 21.44
CA ASP A 214 0.44 15.09 22.60
C ASP A 214 -0.90 14.41 22.88
N VAL A 215 -1.47 13.74 21.87
CA VAL A 215 -2.82 13.22 21.97
C VAL A 215 -2.86 11.71 22.18
N LEU A 216 -1.83 10.98 21.74
CA LEU A 216 -1.85 9.52 21.78
C LEU A 216 -2.14 8.95 23.17
N ASP A 217 -1.84 9.70 24.24
CA ASP A 217 -2.17 9.24 25.58
C ASP A 217 -3.66 8.98 25.73
N LYS A 218 -4.48 9.96 25.37
CA LYS A 218 -5.92 9.88 25.54
C LYS A 218 -6.64 9.33 24.33
N ILE A 219 -5.91 8.76 23.36
CA ILE A 219 -6.54 8.29 22.14
C ILE A 219 -7.38 7.06 22.46
N GLY A 220 -8.61 7.04 21.93
CA GLY A 220 -9.58 6.01 22.27
C GLY A 220 -9.57 4.86 21.29
N ALA A 221 -10.58 4.01 21.45
CA ALA A 221 -10.71 2.83 20.59
C ALA A 221 -10.93 3.26 19.15
N PRO A 222 -10.19 2.70 18.19
CA PRO A 222 -10.38 3.09 16.79
C PRO A 222 -11.62 2.43 16.21
N PRO A 223 -12.42 3.17 15.43
CA PRO A 223 -13.62 2.56 14.83
C PRO A 223 -13.33 1.61 13.69
N LEU A 224 -12.10 1.60 13.16
CA LEU A 224 -11.78 0.81 11.97
C LEU A 224 -10.90 -0.40 12.25
N LEU A 225 -10.62 -0.69 13.52
CA LEU A 225 -9.95 -1.93 13.91
C LEU A 225 -10.61 -2.46 15.17
N ASP A 226 -10.91 -3.76 15.19
CA ASP A 226 -11.35 -4.35 16.44
C ASP A 226 -10.14 -4.65 17.31
N GLU A 227 -10.41 -5.01 18.58
CA GLU A 227 -9.34 -5.23 19.53
C GLU A 227 -8.38 -6.32 19.07
N GLN A 228 -8.91 -7.38 18.45
CA GLN A 228 -8.06 -8.45 17.95
C GLN A 228 -7.19 -7.97 16.79
N GLU A 229 -7.76 -7.19 15.86
CA GLU A 229 -6.99 -6.71 14.72
C GLU A 229 -5.94 -5.70 15.15
N LEU A 230 -6.28 -4.83 16.10
CA LEU A 230 -5.31 -3.84 16.60
C LEU A 230 -4.12 -4.51 17.24
N GLU A 231 -4.36 -5.54 18.07
CA GLU A 231 -3.27 -6.25 18.71
C GLU A 231 -2.40 -6.97 17.68
N TYR A 232 -3.00 -7.43 16.58
CA TYR A 232 -2.23 -8.09 15.53
C TYR A 232 -1.28 -7.11 14.85
N TYR A 233 -1.76 -5.91 14.55
CA TYR A 233 -0.88 -4.88 13.97
C TYR A 233 0.28 -4.57 14.91
N VAL A 234 -0.01 -4.46 16.22
CA VAL A 234 1.05 -4.22 17.19
C VAL A 234 2.04 -5.36 17.20
N GLU A 235 1.54 -6.59 17.27
CA GLU A 235 2.44 -7.75 17.30
C GLU A 235 3.30 -7.82 16.05
N GLN A 236 2.72 -7.58 14.88
CA GLN A 236 3.48 -7.72 13.64
C GLN A 236 4.45 -6.56 13.46
N TYR A 237 4.05 -5.35 13.85
CA TYR A 237 4.98 -4.23 13.79
C TYR A 237 6.10 -4.37 14.81
N ALA A 238 5.85 -5.10 15.90
CA ALA A 238 6.89 -5.37 16.88
C ALA A 238 7.97 -6.30 16.35
N LEU A 239 7.72 -6.98 15.22
CA LEU A 239 8.73 -7.85 14.63
C LEU A 239 9.92 -7.06 14.09
N GLN A 240 9.73 -5.77 13.78
CA GLN A 240 10.83 -4.94 13.35
C GLN A 240 11.73 -4.59 14.54
N GLU A 241 13.01 -4.40 14.26
CA GLU A 241 13.96 -4.01 15.30
C GLU A 241 13.78 -2.54 15.65
N ALA A 242 13.87 -2.23 16.93
CA ALA A 242 13.74 -0.87 17.42
C ALA A 242 14.81 0.03 16.83
N PRO A 243 14.44 1.24 16.36
CA PRO A 243 13.06 1.76 16.30
C PRO A 243 12.22 1.07 15.21
N GLU A 244 11.06 0.54 15.62
CA GLU A 244 10.30 -0.37 14.77
C GLU A 244 9.82 0.30 13.48
N LEU A 245 9.63 1.61 13.49
CA LEU A 245 9.01 2.30 12.36
C LEU A 245 10.01 2.82 11.34
N ARG A 246 11.31 2.54 11.50
CA ARG A 246 12.30 3.02 10.54
C ARG A 246 12.00 2.53 9.14
N GLY A 247 11.77 1.23 8.99
CA GLY A 247 11.42 0.64 7.72
C GLY A 247 10.22 1.27 7.05
N PRO A 248 9.07 1.29 7.74
CA PRO A 248 7.89 1.93 7.15
C PRO A 248 8.10 3.40 6.84
N LEU A 249 8.74 4.16 7.74
CA LEU A 249 8.97 5.57 7.51
C LEU A 249 10.00 5.82 6.42
N ASN A 250 10.83 4.82 6.10
CA ASN A 250 11.79 4.97 5.01
C ASN A 250 11.11 5.24 3.67
N TRP A 251 9.83 4.86 3.54
CA TRP A 251 9.10 5.11 2.31
C TRP A 251 8.88 6.61 2.07
N TYR A 252 9.04 7.43 3.10
CA TYR A 252 8.90 8.88 2.96
C TYR A 252 10.25 9.58 2.85
N ARG A 253 11.35 8.83 2.77
CA ARG A 253 12.69 9.40 2.68
C ARG A 253 13.32 9.18 1.31
N THR A 254 12.52 8.85 0.30
CA THR A 254 13.02 8.49 -1.02
C THR A 254 12.56 9.46 -2.11
N ARG A 255 12.16 10.68 -1.75
CA ARG A 255 11.70 11.62 -2.76
C ARG A 255 12.81 11.94 -3.78
N GLU A 256 14.04 12.14 -3.30
CA GLU A 256 15.12 12.49 -4.22
C GLU A 256 15.58 11.28 -5.02
N LEU A 257 15.66 10.11 -4.38
CA LEU A 257 16.05 8.90 -5.08
C LEU A 257 15.03 8.54 -6.16
N ASN A 258 13.74 8.60 -5.82
CA ASN A 258 12.70 8.40 -6.83
C ASN A 258 12.77 9.47 -7.91
N ALA A 259 13.15 10.69 -7.53
CA ALA A 259 13.28 11.76 -8.52
C ALA A 259 14.42 11.47 -9.49
N LYS A 260 15.52 10.91 -8.99
CA LYS A 260 16.65 10.64 -9.87
C LYS A 260 16.35 9.49 -10.83
N ASP A 261 15.61 8.48 -10.37
CA ASP A 261 15.26 7.37 -11.26
C ASP A 261 14.33 7.84 -12.38
N GLU A 262 13.32 8.62 -12.04
CA GLU A 262 12.27 8.98 -12.99
C GLU A 262 12.61 10.22 -13.81
N MET A 263 13.53 11.07 -13.36
CA MET A 263 14.06 12.09 -14.26
C MET A 263 14.82 11.46 -15.41
N ASP A 264 15.47 10.32 -15.16
CA ASP A 264 16.07 9.54 -16.23
C ASP A 264 15.00 8.98 -17.18
N ARG A 265 13.92 8.43 -16.61
CA ARG A 265 12.88 7.84 -17.46
C ARG A 265 12.14 8.90 -18.25
N ALA A 266 11.96 10.09 -17.67
CA ALA A 266 11.30 11.18 -18.40
C ALA A 266 12.13 11.64 -19.58
N LYS A 267 13.46 11.57 -19.47
CA LYS A 267 14.33 12.03 -20.55
C LYS A 267 14.46 10.97 -21.65
N ASN A 268 14.85 9.76 -21.28
CA ASN A 268 15.20 8.72 -22.25
C ASN A 268 14.16 7.61 -22.37
N GLY A 269 13.58 7.18 -21.26
CA GLY A 269 12.77 5.98 -21.24
C GLY A 269 11.40 6.18 -21.83
N PRO A 270 10.63 5.10 -21.88
CA PRO A 270 9.28 5.15 -22.42
C PRO A 270 8.38 5.99 -21.53
N PRO A 271 7.28 6.51 -22.07
CA PRO A 271 6.37 7.33 -21.26
C PRO A 271 5.48 6.47 -20.39
N LEU A 272 4.77 7.14 -19.48
CA LEU A 272 3.75 6.48 -18.67
C LEU A 272 2.58 6.14 -19.59
N ARG A 273 2.53 4.88 -20.02
CA ARG A 273 1.49 4.40 -20.93
C ARG A 273 1.10 3.00 -20.51
N PHE A 274 -0.18 2.81 -20.18
CA PHE A 274 -0.69 1.54 -19.68
C PHE A 274 -1.64 0.94 -20.71
N GLU A 275 -1.21 -0.16 -21.34
CA GLU A 275 -2.02 -0.85 -22.32
C GLU A 275 -2.90 -1.93 -21.71
N MET A 276 -2.47 -2.53 -20.61
CA MET A 276 -3.25 -3.58 -19.96
C MET A 276 -4.46 -2.96 -19.25
N PRO A 277 -5.51 -3.77 -19.01
CA PRO A 277 -6.67 -3.24 -18.29
C PRO A 277 -6.29 -2.72 -16.91
N ALA A 278 -6.90 -1.60 -16.53
CA ALA A 278 -6.57 -0.93 -15.28
C ALA A 278 -7.84 -0.47 -14.57
N LEU A 279 -7.78 -0.47 -13.24
CA LEU A 279 -8.88 -0.02 -12.39
C LEU A 279 -8.33 0.92 -11.33
N PHE A 280 -9.04 2.02 -11.08
CA PHE A 280 -8.69 2.97 -10.03
C PHE A 280 -9.91 3.18 -9.16
N VAL A 281 -9.81 2.78 -7.89
CA VAL A 281 -10.90 2.89 -6.93
C VAL A 281 -10.57 4.06 -6.01
N ALA A 282 -11.24 5.18 -6.22
CA ALA A 282 -11.03 6.35 -5.38
C ALA A 282 -11.84 6.25 -4.10
N ALA A 283 -11.35 6.88 -3.04
CA ALA A 283 -12.03 6.95 -1.76
C ALA A 283 -12.43 8.39 -1.49
N SER A 284 -13.72 8.61 -1.22
CA SER A 284 -14.26 9.96 -1.19
C SER A 284 -13.72 10.75 0.00
N LYS A 285 -13.58 10.12 1.17
CA LYS A 285 -13.16 10.81 2.37
C LYS A 285 -11.68 10.61 2.67
N ASP A 286 -10.88 10.25 1.67
CA ASP A 286 -9.43 10.17 1.83
C ASP A 286 -8.86 11.58 1.72
N ASN A 287 -8.41 12.13 2.85
CA ASN A 287 -7.84 13.47 2.85
C ASN A 287 -6.39 13.49 2.39
N ALA A 288 -5.72 12.33 2.39
CA ALA A 288 -4.35 12.26 1.90
C ALA A 288 -4.29 12.11 0.39
N LEU A 289 -5.15 11.26 -0.17
CA LEU A 289 -5.21 11.00 -1.61
C LEU A 289 -6.61 11.30 -2.10
N PRO A 290 -6.98 12.58 -2.24
CA PRO A 290 -8.36 12.91 -2.57
C PRO A 290 -8.68 12.54 -4.00
N PRO A 291 -9.95 12.24 -4.30
CA PRO A 291 -10.32 11.87 -5.68
C PRO A 291 -9.94 12.91 -6.72
N ALA A 292 -10.02 14.20 -6.39
CA ALA A 292 -9.69 15.25 -7.35
C ALA A 292 -8.23 15.20 -7.81
N MET A 293 -7.38 14.52 -7.06
CA MET A 293 -5.96 14.39 -7.43
C MET A 293 -5.75 13.52 -8.67
N SER A 294 -6.77 12.78 -9.11
CA SER A 294 -6.67 11.87 -10.24
C SER A 294 -7.20 12.48 -11.54
N LYS A 295 -7.21 13.81 -11.63
CA LYS A 295 -7.88 14.55 -12.71
C LYS A 295 -7.56 14.00 -14.10
N GLY A 296 -6.37 14.31 -14.63
CA GLY A 296 -6.01 13.92 -15.97
C GLY A 296 -5.37 12.55 -16.07
N MET A 297 -5.71 11.66 -15.12
CA MET A 297 -5.10 10.35 -15.07
C MET A 297 -5.52 9.47 -16.24
N ASP A 298 -6.73 9.67 -16.77
CA ASP A 298 -7.26 8.76 -17.79
C ASP A 298 -6.46 8.80 -19.08
N ALA A 299 -5.76 9.91 -19.35
CA ALA A 299 -5.04 10.05 -20.61
C ALA A 299 -3.87 9.09 -20.73
N PHE A 300 -3.38 8.54 -19.62
CA PHE A 300 -2.23 7.65 -19.64
C PHE A 300 -2.62 6.19 -19.82
N TYR A 301 -3.91 5.89 -19.99
CA TYR A 301 -4.40 4.52 -19.98
C TYR A 301 -5.16 4.21 -21.25
N LYS A 302 -4.88 3.05 -21.84
CA LYS A 302 -5.68 2.55 -22.95
C LYS A 302 -7.02 2.02 -22.47
N ASP A 303 -7.12 1.59 -21.21
CA ASP A 303 -8.24 0.81 -20.70
C ASP A 303 -8.32 0.99 -19.17
N LEU A 304 -8.65 2.21 -18.75
CA LEU A 304 -8.81 2.52 -17.33
C LEU A 304 -10.28 2.46 -16.95
N THR A 305 -10.59 1.65 -15.94
CA THR A 305 -11.92 1.59 -15.35
C THR A 305 -11.92 2.39 -14.05
N ARG A 306 -12.84 3.34 -13.95
CA ARG A 306 -12.93 4.21 -12.79
C ARG A 306 -14.08 3.80 -11.88
N ALA A 307 -13.83 3.80 -10.58
CA ALA A 307 -14.86 3.66 -9.57
C ALA A 307 -14.46 4.52 -8.38
N GLU A 308 -15.47 4.90 -7.59
CA GLU A 308 -15.22 5.64 -6.36
C GLU A 308 -16.11 5.09 -5.26
N VAL A 309 -15.56 5.05 -4.05
CA VAL A 309 -16.22 4.46 -2.89
C VAL A 309 -16.30 5.51 -1.80
N ASP A 310 -17.49 5.67 -1.21
CA ASP A 310 -17.66 6.56 -0.08
C ASP A 310 -17.05 5.93 1.16
N ALA A 311 -15.77 6.19 1.39
CA ALA A 311 -15.06 5.65 2.54
C ALA A 311 -13.85 6.53 2.81
N THR A 312 -13.24 6.33 3.97
CA THR A 312 -12.02 7.03 4.34
C THR A 312 -10.85 6.44 3.56
N HIS A 313 -9.63 6.77 3.99
CA HIS A 313 -8.44 6.17 3.37
C HIS A 313 -8.43 4.65 3.52
N TRP A 314 -9.11 4.13 4.54
CA TRP A 314 -9.10 2.69 4.84
C TRP A 314 -10.28 2.00 4.16
N ALA A 315 -10.36 2.18 2.84
CA ALA A 315 -11.45 1.65 2.04
C ALA A 315 -11.38 0.13 1.86
N LEU A 316 -10.19 -0.46 1.92
CA LEU A 316 -10.08 -1.92 1.77
C LEU A 316 -10.83 -2.65 2.87
N THR A 317 -10.98 -2.02 4.04
CA THR A 317 -11.63 -2.63 5.19
C THR A 317 -12.97 -1.98 5.50
N GLN A 318 -13.00 -0.66 5.63
CA GLN A 318 -14.25 0.05 5.93
C GLN A 318 -15.30 -0.23 4.87
N ALA A 319 -14.90 -0.31 3.61
CA ALA A 319 -15.78 -0.65 2.50
C ALA A 319 -15.32 -1.93 1.82
N GLY A 320 -14.94 -2.92 2.63
CA GLY A 320 -14.36 -4.14 2.09
C GLY A 320 -15.30 -4.86 1.13
N ASP A 321 -16.58 -4.96 1.49
CA ASP A 321 -17.53 -5.66 0.63
C ASP A 321 -17.76 -4.91 -0.67
N GLU A 322 -17.80 -3.58 -0.63
CA GLU A 322 -17.97 -2.80 -1.85
C GLU A 322 -16.72 -2.84 -2.71
N VAL A 323 -15.54 -2.69 -2.10
CA VAL A 323 -14.29 -2.78 -2.85
C VAL A 323 -14.14 -4.16 -3.47
N ASN A 324 -14.48 -5.20 -2.72
CA ASN A 324 -14.48 -6.56 -3.29
C ASN A 324 -15.38 -6.65 -4.51
N ARG A 325 -16.55 -5.99 -4.46
CA ARG A 325 -17.48 -6.04 -5.58
C ARG A 325 -16.90 -5.35 -6.81
N VAL A 326 -16.32 -4.16 -6.62
CA VAL A 326 -15.77 -3.40 -7.75
C VAL A 326 -14.63 -4.17 -8.40
N ILE A 327 -13.75 -4.76 -7.58
CA ILE A 327 -12.62 -5.51 -8.12
C ILE A 327 -13.11 -6.74 -8.89
N GLY A 328 -13.99 -7.53 -8.27
CA GLY A 328 -14.40 -8.78 -8.89
C GLY A 328 -15.09 -8.59 -10.23
N GLU A 329 -15.97 -7.59 -10.32
CA GLU A 329 -16.70 -7.36 -11.57
C GLU A 329 -15.80 -6.78 -12.64
N TRP A 330 -14.94 -5.82 -12.29
CA TRP A 330 -13.97 -5.31 -13.26
C TRP A 330 -13.00 -6.40 -13.69
N LEU A 331 -12.50 -7.19 -12.74
CA LEU A 331 -11.64 -8.32 -13.08
C LEU A 331 -12.36 -9.30 -13.99
N ASN A 332 -13.66 -9.51 -13.76
CA ASN A 332 -14.42 -10.45 -14.59
C ASN A 332 -14.50 -9.97 -16.04
N LYS A 333 -14.65 -8.66 -16.25
CA LYS A 333 -14.65 -8.14 -17.61
C LYS A 333 -13.23 -8.00 -18.16
N ALA A 334 -12.26 -7.68 -17.31
CA ALA A 334 -10.91 -7.46 -17.79
C ALA A 334 -10.28 -8.75 -18.30
N LEU A 335 -10.58 -9.87 -17.66
CA LEU A 335 -10.04 -11.16 -18.08
C LEU A 335 -10.90 -11.85 -19.14
N GLY A 336 -12.14 -11.42 -19.32
CA GLY A 336 -13.02 -12.03 -20.30
C GLY A 336 -14.16 -12.82 -19.67
#